data_9JNG
#
_entry.id   9JNG
#
_cell.length_a   71.765
_cell.length_b   51.688
_cell.length_c   76.4
_cell.angle_alpha   90
_cell.angle_beta   114.222
_cell.angle_gamma   90
#
_symmetry.space_group_name_H-M   'P 1 21 1'
#
loop_
_entity.id
_entity.type
_entity.pdbx_description
1 polymer beta-lactamase
2 non-polymer DI(HYDROXYETHYL)ETHER
3 non-polymer '(2S,3R,4S)-4-{[1-(4,5-dihydro-1,3-thiazol-2-yl)azetidin-3-yl]sulfanyl}-2-[(2S,3R)-3-hydroxy-1-oxobutan-2-yl]-3-methyl-3,4-dihydro-2H-pyrrole-5-carboxylic acid'
4 non-polymer 'CHLORIDE ION'
5 non-polymer 1,2-ETHANEDIOL
6 water water
#
_entity_poly.entity_id   1
_entity_poly.type   'polypeptide(L)'
_entity_poly.pdbx_seq_one_letter_code
;MGNKSDAAAKQIKKLEEDFDGRIGVFAIDTGSGNTFGYRSDERFPLCSSFKGFLAAAVLERVQQKKLDINQKVKYESRDL
EYHSPITTKYKGSGMTLGDMASAALQYSDNGATNIIMERFLGGPEGMTKFMRSIGDNEFRLDRWALELNTAIPGDKRDTS
TPKAVANSLNKLALGNVLNAKVKAIYQNWLKGNTTGDARIRASVPADWVVGDKTGSCGAYGTANDYAVIWPKNRAPLIVS
IYTTRKSKDDKHSDKTIAEASRIAIQAIDHHHHHH
;
_entity_poly.pdbx_strand_id   A,B
#
# COMPACT_ATOMS: atom_id res chain seq x y z
N ASN A 3 -14.68 -35.60 16.22
CA ASN A 3 -14.97 -35.05 17.58
C ASN A 3 -14.22 -33.72 17.80
N LYS A 4 -13.33 -33.32 16.85
CA LYS A 4 -12.65 -32.03 16.92
C LYS A 4 -13.57 -30.93 16.36
N SER A 5 -14.21 -31.28 15.24
CA SER A 5 -15.38 -30.64 14.66
C SER A 5 -16.47 -30.41 15.73
N ASP A 6 -16.90 -31.49 16.41
CA ASP A 6 -18.00 -31.43 17.38
C ASP A 6 -17.67 -30.55 18.58
N ALA A 7 -16.39 -30.46 18.94
CA ALA A 7 -15.97 -29.62 20.06
C ALA A 7 -16.13 -28.16 19.65
N ALA A 8 -15.50 -27.80 18.51
CA ALA A 8 -15.61 -26.48 17.91
C ALA A 8 -17.08 -26.06 17.82
N ALA A 9 -17.96 -26.97 17.45
CA ALA A 9 -19.37 -26.64 17.29
C ALA A 9 -20.03 -26.32 18.64
N LYS A 10 -19.74 -27.13 19.67
CA LYS A 10 -20.30 -26.88 20.99
C LYS A 10 -19.85 -25.49 21.48
N GLN A 11 -18.64 -25.06 21.10
CA GLN A 11 -18.10 -23.79 21.57
C GLN A 11 -18.72 -22.62 20.80
N ILE A 12 -19.09 -22.83 19.53
CA ILE A 12 -19.69 -21.72 18.80
C ILE A 12 -21.11 -21.55 19.31
N LYS A 13 -21.76 -22.66 19.63
CA LYS A 13 -23.14 -22.69 20.09
C LYS A 13 -23.25 -21.96 21.43
N LYS A 14 -22.21 -22.08 22.25
CA LYS A 14 -22.22 -21.47 23.55
C LYS A 14 -21.96 -19.97 23.39
N LEU A 15 -20.98 -19.67 22.53
CA LEU A 15 -20.65 -18.30 22.18
C LEU A 15 -21.88 -17.58 21.64
N GLU A 16 -22.72 -18.27 20.86
CA GLU A 16 -23.87 -17.58 20.30
C GLU A 16 -24.94 -17.38 21.38
N GLU A 17 -25.01 -18.29 22.36
CA GLU A 17 -25.99 -18.19 23.43
C GLU A 17 -25.62 -17.09 24.43
N ASP A 18 -24.31 -16.88 24.60
CA ASP A 18 -23.77 -15.93 25.56
C ASP A 18 -24.05 -14.47 25.17
N PHE A 19 -24.05 -14.15 23.85
CA PHE A 19 -24.36 -12.79 23.42
C PHE A 19 -25.75 -12.77 22.77
N ASP A 20 -26.47 -13.88 22.86
CA ASP A 20 -27.90 -13.94 22.52
C ASP A 20 -28.10 -13.59 21.06
N GLY A 21 -27.39 -14.30 20.18
CA GLY A 21 -27.56 -14.11 18.76
C GLY A 21 -27.19 -15.37 17.98
N ARG A 22 -26.53 -15.13 16.84
CA ARG A 22 -26.42 -16.17 15.83
C ARG A 22 -25.09 -16.02 15.10
N ILE A 23 -24.28 -17.10 15.12
CA ILE A 23 -22.94 -17.04 14.56
C ILE A 23 -22.81 -18.05 13.42
N GLY A 24 -22.31 -17.58 12.28
CA GLY A 24 -22.04 -18.47 11.18
C GLY A 24 -20.57 -18.44 10.79
N VAL A 25 -20.00 -19.63 10.61
CA VAL A 25 -18.56 -19.74 10.43
C VAL A 25 -18.29 -20.72 9.29
N PHE A 26 -17.26 -20.41 8.50
CA PHE A 26 -16.69 -21.39 7.60
C PHE A 26 -15.19 -21.14 7.48
N ALA A 27 -14.41 -22.20 7.65
CA ALA A 27 -12.96 -22.05 7.60
C ALA A 27 -12.33 -23.21 6.83
N ILE A 28 -11.28 -22.88 6.06
CA ILE A 28 -10.61 -23.80 5.16
C ILE A 28 -9.12 -23.73 5.44
N ASP A 29 -8.49 -24.91 5.63
CA ASP A 29 -7.04 -25.02 5.54
C ASP A 29 -6.67 -25.35 4.09
N THR A 30 -6.11 -24.38 3.35
CA THR A 30 -5.91 -24.54 1.91
C THR A 30 -4.84 -25.59 1.62
N GLY A 31 -4.09 -26.04 2.62
CA GLY A 31 -2.98 -26.96 2.40
C GLY A 31 -3.44 -28.42 2.52
N SER A 32 -4.32 -28.67 3.50
CA SER A 32 -4.91 -29.98 3.72
C SER A 32 -6.28 -30.12 3.06
N GLY A 33 -7.00 -29.01 2.83
CA GLY A 33 -8.39 -29.09 2.40
C GLY A 33 -9.35 -29.30 3.57
N ASN A 34 -8.83 -29.30 4.80
CA ASN A 34 -9.68 -29.47 5.97
C ASN A 34 -10.60 -28.27 6.13
N THR A 35 -11.87 -28.54 6.46
CA THR A 35 -12.82 -27.45 6.67
C THR A 35 -13.49 -27.60 8.03
N PHE A 36 -13.92 -26.46 8.59
CA PHE A 36 -14.89 -26.44 9.66
C PHE A 36 -16.01 -25.47 9.29
N GLY A 37 -17.25 -25.86 9.55
CA GLY A 37 -18.40 -24.98 9.33
C GLY A 37 -19.40 -25.03 10.49
N TYR A 38 -20.07 -23.91 10.74
CA TYR A 38 -21.14 -23.81 11.72
C TYR A 38 -22.17 -22.85 11.15
N ARG A 39 -23.39 -23.35 10.93
CA ARG A 39 -24.43 -22.63 10.22
C ARG A 39 -23.84 -22.07 8.93
N SER A 40 -23.01 -22.85 8.24
CA SER A 40 -22.25 -22.34 7.11
C SER A 40 -23.11 -22.19 5.86
N ASP A 41 -24.36 -22.72 5.90
CA ASP A 41 -25.30 -22.64 4.80
C ASP A 41 -26.50 -21.75 5.15
N GLU A 42 -26.44 -21.06 6.29
CA GLU A 42 -27.50 -20.10 6.60
C GLU A 42 -27.17 -18.74 6.00
N ARG A 43 -28.20 -17.91 5.80
CA ARG A 43 -28.02 -16.58 5.23
C ARG A 43 -27.66 -15.55 6.31
N PHE A 44 -26.70 -14.67 6.00
CA PHE A 44 -26.39 -13.55 6.90
C PHE A 44 -26.25 -12.27 6.06
N PRO A 45 -26.66 -11.07 6.57
CA PRO A 45 -26.41 -9.83 5.83
C PRO A 45 -24.93 -9.65 5.50
N LEU A 46 -24.63 -9.21 4.26
CA LEU A 46 -23.27 -8.89 3.87
C LEU A 46 -22.72 -7.64 4.58
N CYS A 47 -23.58 -6.63 4.81
CA CYS A 47 -23.12 -5.31 5.22
C CYS A 47 -22.10 -4.82 4.19
N SER A 48 -21.05 -4.13 4.64
CA SER A 48 -20.03 -3.59 3.76
C SER A 48 -19.14 -4.71 3.18
N SER A 49 -19.36 -5.97 3.58
CA SER A 49 -18.28 -6.92 3.37
C SER A 49 -18.11 -7.23 1.89
N PHE A 50 -19.18 -7.00 1.12
CA PHE A 50 -19.19 -7.28 -0.30
C PHE A 50 -18.17 -6.40 -1.03
N LYS A 51 -17.71 -5.35 -0.35
CA LYS A 51 -16.78 -4.44 -1.01
C LYS A 51 -15.49 -5.15 -1.37
N GLY A 52 -15.14 -6.19 -0.60
CA GLY A 52 -13.99 -7.00 -0.93
C GLY A 52 -14.13 -7.67 -2.29
N PHE A 53 -15.36 -8.05 -2.65
CA PHE A 53 -15.62 -8.73 -3.91
C PHE A 53 -15.76 -7.71 -5.02
N LEU A 54 -16.19 -6.51 -4.65
CA LEU A 54 -16.37 -5.46 -5.62
C LEU A 54 -14.99 -5.08 -6.17
N ALA A 55 -13.99 -5.11 -5.29
CA ALA A 55 -12.65 -4.69 -5.63
C ALA A 55 -12.00 -5.73 -6.55
N ALA A 56 -12.36 -7.00 -6.33
CA ALA A 56 -11.95 -8.10 -7.19
C ALA A 56 -12.59 -7.95 -8.57
N ALA A 57 -13.88 -7.58 -8.59
CA ALA A 57 -14.61 -7.35 -9.84
C ALA A 57 -13.89 -6.31 -10.72
N VAL A 58 -13.47 -5.19 -10.11
CA VAL A 58 -12.75 -4.14 -10.79
C VAL A 58 -11.45 -4.71 -11.37
N LEU A 59 -10.71 -5.48 -10.57
CA LEU A 59 -9.44 -6.02 -11.02
C LEU A 59 -9.66 -7.00 -12.18
N GLU A 60 -10.74 -7.77 -12.14
CA GLU A 60 -11.07 -8.65 -13.25
C GLU A 60 -11.15 -7.83 -14.54
N ARG A 61 -11.86 -6.70 -14.46
CA ARG A 61 -12.03 -5.83 -15.61
C ARG A 61 -10.67 -5.30 -16.07
N VAL A 62 -9.83 -4.88 -15.11
CA VAL A 62 -8.52 -4.34 -15.43
C VAL A 62 -7.68 -5.37 -16.18
N GLN A 63 -7.80 -6.64 -15.76
CA GLN A 63 -7.05 -7.75 -16.31
C GLN A 63 -7.51 -8.03 -17.73
N GLN A 64 -8.83 -7.94 -17.98
CA GLN A 64 -9.40 -8.10 -19.32
C GLN A 64 -9.17 -6.89 -20.23
N LYS A 65 -8.48 -5.85 -19.72
CA LYS A 65 -8.17 -4.62 -20.44
C LYS A 65 -9.45 -3.81 -20.72
N LYS A 66 -10.50 -4.07 -19.96
CA LYS A 66 -11.78 -3.38 -20.10
C LYS A 66 -11.72 -2.01 -19.41
N LEU A 67 -10.76 -1.85 -18.48
CA LEU A 67 -10.56 -0.64 -17.68
C LEU A 67 -9.06 -0.57 -17.43
N ASP A 68 -8.56 0.64 -17.11
CA ASP A 68 -7.17 0.83 -16.74
C ASP A 68 -7.16 1.28 -15.27
N ILE A 69 -6.21 0.73 -14.51
CA ILE A 69 -6.13 0.90 -13.07
C ILE A 69 -5.74 2.33 -12.71
N ASN A 70 -5.17 3.08 -13.69
CA ASN A 70 -4.66 4.43 -13.49
C ASN A 70 -5.58 5.51 -14.09
N GLN A 71 -6.72 5.10 -14.68
CA GLN A 71 -7.67 6.06 -15.24
C GLN A 71 -8.33 6.88 -14.12
N LYS A 72 -8.44 8.20 -14.36
CA LYS A 72 -9.00 9.17 -13.44
C LYS A 72 -10.50 8.96 -13.37
N VAL A 73 -11.02 8.80 -12.15
CA VAL A 73 -12.45 8.83 -11.91
C VAL A 73 -12.75 10.16 -11.23
N LYS A 74 -13.52 11.00 -11.92
CA LYS A 74 -13.88 12.35 -11.48
C LYS A 74 -15.27 12.29 -10.85
N TYR A 75 -15.50 13.10 -9.82
CA TYR A 75 -16.79 13.10 -9.15
C TYR A 75 -16.99 14.44 -8.44
N GLU A 76 -16.45 15.50 -9.04
CA GLU A 76 -16.42 16.86 -8.51
C GLU A 76 -17.80 17.32 -8.01
N SER A 77 -18.89 16.80 -8.59
CA SER A 77 -20.23 17.29 -8.30
C SER A 77 -21.02 16.38 -7.36
N ARG A 78 -20.45 15.23 -7.01
CA ARG A 78 -21.21 14.19 -6.34
C ARG A 78 -21.54 14.64 -4.93
N ASP A 79 -22.76 14.38 -4.51
CA ASP A 79 -23.16 14.41 -3.10
C ASP A 79 -22.63 13.12 -2.47
N LEU A 80 -21.45 13.16 -1.84
CA LEU A 80 -20.80 11.98 -1.28
C LEU A 80 -21.62 11.42 -0.11
N GLU A 81 -21.88 10.10 -0.20
CA GLU A 81 -22.56 9.32 0.81
C GLU A 81 -21.81 9.42 2.13
N TYR A 82 -22.55 9.24 3.23
CA TYR A 82 -21.98 9.10 4.55
C TYR A 82 -20.91 7.99 4.54
N HIS A 83 -19.82 8.26 5.28
CA HIS A 83 -18.72 7.34 5.49
C HIS A 83 -18.00 7.15 4.17
N SER A 84 -17.57 8.27 3.61
CA SER A 84 -16.66 8.28 2.46
C SER A 84 -15.42 9.05 2.89
N PRO A 85 -14.61 8.52 3.83
CA PRO A 85 -13.47 9.27 4.34
C PRO A 85 -12.39 9.43 3.29
N ILE A 86 -12.31 8.53 2.30
CA ILE A 86 -11.21 8.70 1.35
C ILE A 86 -11.66 9.61 0.21
N THR A 87 -12.80 9.25 -0.40
CA THR A 87 -13.33 10.00 -1.51
C THR A 87 -13.59 11.46 -1.13
N THR A 88 -14.03 11.75 0.11
CA THR A 88 -14.17 13.12 0.58
C THR A 88 -12.87 13.91 0.40
N LYS A 89 -11.73 13.31 0.77
CA LYS A 89 -10.46 14.02 0.67
C LYS A 89 -10.08 14.37 -0.77
N TYR A 90 -10.54 13.60 -1.76
CA TYR A 90 -9.99 13.73 -3.11
C TYR A 90 -11.04 14.27 -4.07
N LYS A 91 -12.15 14.76 -3.51
CA LYS A 91 -13.28 15.20 -4.31
C LYS A 91 -12.79 16.21 -5.37
N GLY A 92 -11.83 17.08 -4.99
CA GLY A 92 -11.40 18.13 -5.90
C GLY A 92 -10.62 17.57 -7.09
N SER A 93 -9.75 16.58 -6.88
CA SER A 93 -8.84 16.20 -7.94
C SER A 93 -9.28 14.90 -8.63
N GLY A 94 -10.14 14.11 -8.01
CA GLY A 94 -10.44 12.77 -8.50
C GLY A 94 -9.44 11.73 -7.95
N MET A 95 -9.63 10.46 -8.32
CA MET A 95 -8.77 9.39 -7.84
C MET A 95 -8.59 8.37 -8.97
N THR A 96 -7.47 7.63 -8.94
CA THR A 96 -7.36 6.55 -9.92
C THR A 96 -8.38 5.46 -9.58
N LEU A 97 -8.80 4.71 -10.61
CA LEU A 97 -9.74 3.62 -10.42
C LEU A 97 -9.20 2.65 -9.37
N GLY A 98 -7.88 2.38 -9.43
CA GLY A 98 -7.23 1.50 -8.47
C GLY A 98 -7.32 2.02 -7.04
N ASP A 99 -6.97 3.29 -6.82
CA ASP A 99 -7.05 3.90 -5.51
C ASP A 99 -8.50 3.89 -5.00
N MET A 100 -9.45 4.00 -5.94
CA MET A 100 -10.83 4.16 -5.57
C MET A 100 -11.36 2.81 -5.13
N ALA A 101 -11.01 1.76 -5.89
CA ALA A 101 -11.41 0.40 -5.56
C ALA A 101 -10.77 -0.04 -4.24
N SER A 102 -9.49 0.29 -4.04
CA SER A 102 -8.82 -0.09 -2.81
C SER A 102 -9.39 0.66 -1.61
N ALA A 103 -9.71 1.94 -1.77
CA ALA A 103 -10.42 2.73 -0.76
C ALA A 103 -11.77 2.11 -0.43
N ALA A 104 -12.49 1.62 -1.44
CA ALA A 104 -13.73 0.92 -1.17
C ALA A 104 -13.47 -0.27 -0.24
N LEU A 105 -12.34 -0.96 -0.44
CA LEU A 105 -12.01 -2.12 0.36
C LEU A 105 -11.46 -1.69 1.72
N GLN A 106 -10.42 -0.85 1.73
CA GLN A 106 -9.58 -0.65 2.90
C GLN A 106 -10.23 0.22 3.98
N TYR A 107 -11.16 1.10 3.59
CA TYR A 107 -11.75 2.03 4.53
C TYR A 107 -13.26 1.91 4.49
N SER A 108 -13.74 1.03 3.60
CA SER A 108 -15.17 0.80 3.46
C SER A 108 -15.85 2.11 3.05
N ASP A 109 -15.24 2.80 2.07
CA ASP A 109 -15.70 4.07 1.53
C ASP A 109 -16.92 3.82 0.66
N ASN A 110 -18.07 4.34 1.12
CA ASN A 110 -19.35 4.15 0.43
C ASN A 110 -19.39 4.91 -0.90
N GLY A 111 -18.78 6.10 -0.94
CA GLY A 111 -18.69 6.85 -2.19
C GLY A 111 -17.92 6.05 -3.25
N ALA A 112 -16.76 5.47 -2.86
CA ALA A 112 -15.98 4.69 -3.81
C ALA A 112 -16.86 3.54 -4.27
N THR A 113 -17.61 2.97 -3.31
CA THR A 113 -18.37 1.78 -3.61
C THR A 113 -19.40 2.11 -4.70
N ASN A 114 -20.19 3.18 -4.48
CA ASN A 114 -21.35 3.46 -5.29
C ASN A 114 -20.94 4.03 -6.64
N ILE A 115 -19.85 4.78 -6.67
CA ILE A 115 -19.37 5.32 -7.93
C ILE A 115 -19.00 4.15 -8.85
N ILE A 116 -18.23 3.20 -8.30
CA ILE A 116 -17.74 2.07 -9.06
C ILE A 116 -18.91 1.21 -9.54
N MET A 117 -19.94 1.02 -8.69
CA MET A 117 -21.03 0.13 -9.09
C MET A 117 -21.90 0.82 -10.14
N GLU A 118 -21.98 2.15 -10.09
CA GLU A 118 -22.84 2.79 -11.05
C GLU A 118 -22.11 2.96 -12.40
N ARG A 119 -20.78 3.06 -12.38
CA ARG A 119 -20.09 3.42 -13.63
C ARG A 119 -19.46 2.22 -14.32
N PHE A 120 -19.02 1.21 -13.56
CA PHE A 120 -18.16 0.16 -14.10
C PHE A 120 -18.79 -1.23 -13.96
N LEU A 121 -19.69 -1.44 -12.99
CA LEU A 121 -19.98 -2.81 -12.58
C LEU A 121 -21.42 -3.19 -12.82
N GLY A 122 -22.25 -2.22 -13.22
CA GLY A 122 -23.65 -2.51 -13.48
C GLY A 122 -24.48 -2.60 -12.20
N GLY A 123 -24.06 -1.92 -11.14
CA GLY A 123 -24.87 -1.80 -9.94
C GLY A 123 -24.96 -3.11 -9.18
N PRO A 124 -25.94 -3.26 -8.26
CA PRO A 124 -26.13 -4.48 -7.47
C PRO A 124 -26.30 -5.75 -8.28
N GLU A 125 -27.11 -5.67 -9.36
CA GLU A 125 -27.33 -6.79 -10.26
C GLU A 125 -26.02 -7.23 -10.89
N GLY A 126 -25.23 -6.26 -11.36
CA GLY A 126 -23.95 -6.60 -11.96
C GLY A 126 -22.96 -7.18 -10.94
N MET A 127 -22.99 -6.65 -9.71
CA MET A 127 -22.14 -7.18 -8.65
C MET A 127 -22.52 -8.64 -8.39
N THR A 128 -23.81 -8.94 -8.49
CA THR A 128 -24.32 -10.31 -8.33
C THR A 128 -23.90 -11.19 -9.49
N LYS A 129 -23.92 -10.64 -10.72
CA LYS A 129 -23.54 -11.38 -11.93
C LYS A 129 -22.07 -11.76 -11.82
N PHE A 130 -21.24 -10.83 -11.32
CA PHE A 130 -19.82 -11.10 -11.14
C PHE A 130 -19.63 -12.36 -10.27
N MET A 131 -20.41 -12.49 -9.20
CA MET A 131 -20.29 -13.57 -8.25
C MET A 131 -20.77 -14.90 -8.87
N ARG A 132 -21.92 -14.89 -9.55
CA ARG A 132 -22.36 -16.06 -10.32
C ARG A 132 -21.28 -16.51 -11.30
N SER A 133 -20.57 -15.56 -11.93
CA SER A 133 -19.52 -15.88 -12.88
C SER A 133 -18.28 -16.53 -12.23
N ILE A 134 -18.15 -16.47 -10.91
CA ILE A 134 -17.05 -17.20 -10.32
C ILE A 134 -17.57 -18.45 -9.64
N GLY A 135 -18.84 -18.82 -9.87
CA GLY A 135 -19.33 -20.05 -9.32
C GLY A 135 -20.07 -19.86 -8.00
N ASP A 136 -20.39 -18.62 -7.63
CA ASP A 136 -21.04 -18.37 -6.36
C ASP A 136 -22.54 -18.17 -6.55
N ASN A 137 -23.30 -19.13 -6.04
CA ASN A 137 -24.74 -19.18 -6.28
C ASN A 137 -25.56 -18.64 -5.10
N GLU A 138 -24.91 -18.31 -3.97
CA GLU A 138 -25.68 -17.89 -2.81
C GLU A 138 -25.67 -16.36 -2.67
N PHE A 139 -24.61 -15.72 -3.19
CA PHE A 139 -24.41 -14.29 -3.02
C PHE A 139 -25.48 -13.50 -3.77
N ARG A 140 -26.21 -12.60 -3.08
CA ARG A 140 -27.04 -11.61 -3.76
C ARG A 140 -26.84 -10.22 -3.15
N LEU A 141 -26.53 -9.23 -4.00
CA LEU A 141 -26.62 -7.82 -3.63
C LEU A 141 -27.82 -7.22 -4.35
N ASP A 142 -28.68 -6.53 -3.59
CA ASP A 142 -29.98 -6.08 -4.06
C ASP A 142 -30.07 -4.56 -4.03
N ARG A 143 -29.29 -3.90 -3.15
CA ARG A 143 -29.43 -2.49 -2.85
C ARG A 143 -28.06 -1.85 -2.85
N TRP A 144 -28.01 -0.51 -2.81
CA TRP A 144 -26.79 0.27 -2.92
C TRP A 144 -26.15 0.51 -1.55
N ALA A 145 -24.97 1.14 -1.55
CA ALA A 145 -24.08 1.13 -0.39
C ALA A 145 -24.80 1.40 0.95
N LEU A 146 -25.70 2.37 1.01
CA LEU A 146 -26.12 2.80 2.33
C LEU A 146 -27.47 2.20 2.69
N GLU A 147 -28.17 1.67 1.69
N GLU A 147 -28.16 1.67 1.68
CA GLU A 147 -29.53 1.20 1.89
CA GLU A 147 -29.52 1.21 1.84
C GLU A 147 -29.56 -0.32 2.12
C GLU A 147 -29.57 -0.31 2.10
N LEU A 148 -28.39 -0.95 2.19
CA LEU A 148 -28.35 -2.40 2.33
C LEU A 148 -28.13 -2.87 3.78
N ASN A 149 -28.17 -1.94 4.74
CA ASN A 149 -27.67 -2.20 6.08
C ASN A 149 -28.82 -2.40 7.07
N THR A 150 -29.98 -2.82 6.56
CA THR A 150 -31.16 -2.88 7.40
C THR A 150 -31.13 -4.14 8.26
N ALA A 151 -30.42 -5.19 7.78
CA ALA A 151 -30.22 -6.46 8.45
C ALA A 151 -31.50 -6.98 9.12
N ILE A 152 -32.61 -6.97 8.38
CA ILE A 152 -33.87 -7.41 8.95
C ILE A 152 -33.87 -8.93 9.06
N PRO A 153 -34.24 -9.53 10.23
CA PRO A 153 -34.27 -10.98 10.39
C PRO A 153 -35.23 -11.56 9.36
N GLY A 154 -34.79 -12.61 8.65
CA GLY A 154 -35.58 -13.30 7.65
C GLY A 154 -35.53 -12.65 6.28
N ASP A 155 -35.01 -11.42 6.17
CA ASP A 155 -34.95 -10.74 4.88
C ASP A 155 -33.74 -11.25 4.10
N LYS A 156 -33.98 -11.68 2.86
CA LYS A 156 -32.95 -12.34 2.07
C LYS A 156 -32.11 -11.33 1.28
N ARG A 157 -32.48 -10.04 1.35
CA ARG A 157 -31.79 -9.06 0.52
C ARG A 157 -30.37 -8.85 1.04
N ASP A 158 -29.40 -8.83 0.11
CA ASP A 158 -28.02 -8.50 0.42
C ASP A 158 -27.42 -9.48 1.44
N THR A 159 -27.60 -10.79 1.17
CA THR A 159 -27.10 -11.82 2.06
C THR A 159 -26.23 -12.79 1.27
N SER A 160 -25.40 -13.54 2.01
CA SER A 160 -24.76 -14.72 1.49
C SER A 160 -24.72 -15.77 2.62
N THR A 161 -23.92 -16.83 2.44
CA THR A 161 -23.69 -17.80 3.52
C THR A 161 -22.20 -17.73 3.88
N PRO A 162 -21.81 -18.05 5.13
CA PRO A 162 -20.37 -18.06 5.46
C PRO A 162 -19.51 -18.88 4.50
N LYS A 163 -20.06 -20.04 4.06
CA LYS A 163 -19.40 -20.98 3.17
C LYS A 163 -19.20 -20.36 1.79
N ALA A 164 -20.26 -19.72 1.27
CA ALA A 164 -20.18 -19.11 -0.05
C ALA A 164 -19.11 -18.02 0.00
N VAL A 165 -19.11 -17.28 1.12
CA VAL A 165 -18.14 -16.20 1.27
C VAL A 165 -16.71 -16.77 1.30
N ALA A 166 -16.49 -17.83 2.08
CA ALA A 166 -15.19 -18.49 2.16
C ALA A 166 -14.69 -18.99 0.80
N ASN A 167 -15.53 -19.81 0.12
CA ASN A 167 -15.22 -20.39 -1.18
C ASN A 167 -14.85 -19.29 -2.15
N SER A 168 -15.70 -18.27 -2.24
CA SER A 168 -15.46 -17.18 -3.16
C SER A 168 -14.12 -16.52 -2.83
N LEU A 169 -13.83 -16.26 -1.56
CA LEU A 169 -12.61 -15.55 -1.23
C LEU A 169 -11.41 -16.41 -1.65
N ASN A 170 -11.57 -17.73 -1.47
CA ASN A 170 -10.53 -18.67 -1.79
C ASN A 170 -10.26 -18.58 -3.30
N LYS A 171 -11.35 -18.60 -4.10
CA LYS A 171 -11.23 -18.58 -5.55
C LYS A 171 -10.54 -17.29 -6.02
N LEU A 172 -10.83 -16.17 -5.35
CA LEU A 172 -10.40 -14.85 -5.81
C LEU A 172 -9.03 -14.52 -5.27
N ALA A 173 -8.78 -14.86 -4.01
CA ALA A 173 -7.53 -14.46 -3.36
C ALA A 173 -6.41 -15.46 -3.63
N LEU A 174 -6.76 -16.75 -3.81
CA LEU A 174 -5.77 -17.81 -3.86
C LEU A 174 -5.88 -18.58 -5.18
N GLY A 175 -7.06 -18.59 -5.80
CA GLY A 175 -7.28 -19.41 -6.98
C GLY A 175 -6.98 -18.68 -8.28
N ASN A 176 -7.75 -19.00 -9.34
CA ASN A 176 -7.40 -18.68 -10.72
C ASN A 176 -8.26 -17.64 -11.41
N VAL A 177 -9.14 -16.94 -10.69
CA VAL A 177 -9.97 -15.91 -11.31
C VAL A 177 -9.07 -14.77 -11.78
N LEU A 178 -8.08 -14.39 -10.98
CA LEU A 178 -7.16 -13.31 -11.31
C LEU A 178 -5.79 -13.92 -11.61
N ASN A 179 -5.10 -13.41 -12.63
CA ASN A 179 -3.78 -13.92 -12.98
C ASN A 179 -2.78 -13.49 -11.90
N ALA A 180 -1.51 -13.84 -12.07
CA ALA A 180 -0.51 -13.75 -11.02
C ALA A 180 -0.32 -12.30 -10.56
N LYS A 181 -0.23 -11.39 -11.54
CA LYS A 181 0.07 -10.00 -11.28
C LYS A 181 -1.09 -9.35 -10.53
N VAL A 182 -2.31 -9.58 -11.01
CA VAL A 182 -3.48 -8.87 -10.55
C VAL A 182 -3.92 -9.48 -9.21
N LYS A 183 -3.76 -10.80 -9.06
CA LYS A 183 -4.10 -11.44 -7.80
C LYS A 183 -3.21 -10.86 -6.68
N ALA A 184 -1.94 -10.57 -7.00
CA ALA A 184 -1.03 -10.05 -5.99
C ALA A 184 -1.52 -8.67 -5.53
N ILE A 185 -2.08 -7.92 -6.46
CA ILE A 185 -2.55 -6.58 -6.18
C ILE A 185 -3.74 -6.71 -5.21
N TYR A 186 -4.55 -7.72 -5.44
CA TYR A 186 -5.77 -7.95 -4.67
C TYR A 186 -5.39 -8.29 -3.23
N GLN A 187 -4.32 -9.10 -3.10
CA GLN A 187 -3.80 -9.55 -1.82
C GLN A 187 -3.27 -8.33 -1.05
N ASN A 188 -2.43 -7.53 -1.71
CA ASN A 188 -1.91 -6.31 -1.11
C ASN A 188 -3.06 -5.48 -0.56
N TRP A 189 -4.18 -5.44 -1.30
CA TRP A 189 -5.32 -4.62 -0.94
C TRP A 189 -5.96 -5.17 0.33
N LEU A 190 -6.30 -6.46 0.32
CA LEU A 190 -6.78 -7.18 1.50
C LEU A 190 -5.81 -6.98 2.67
N LYS A 191 -4.50 -7.12 2.45
CA LYS A 191 -3.57 -7.07 3.56
C LYS A 191 -3.61 -5.69 4.21
N GLY A 192 -3.80 -4.63 3.41
CA GLY A 192 -3.77 -3.24 3.85
C GLY A 192 -5.10 -2.77 4.45
N ASN A 193 -6.05 -3.69 4.69
CA ASN A 193 -7.34 -3.33 5.27
C ASN A 193 -7.14 -2.70 6.65
N THR A 194 -7.90 -1.64 6.94
CA THR A 194 -7.64 -0.88 8.17
C THR A 194 -8.74 -1.04 9.22
N THR A 195 -9.81 -1.80 8.93
CA THR A 195 -11.00 -1.72 9.76
C THR A 195 -11.22 -3.00 10.57
N GLY A 196 -10.25 -3.94 10.55
CA GLY A 196 -10.50 -5.26 11.10
C GLY A 196 -9.51 -5.71 12.17
N ASP A 197 -8.90 -4.74 12.86
CA ASP A 197 -7.92 -5.01 13.91
C ASP A 197 -8.49 -5.76 15.11
N ALA A 198 -9.80 -5.62 15.37
CA ALA A 198 -10.47 -6.23 16.53
C ALA A 198 -11.15 -7.54 16.15
N ARG A 199 -11.03 -7.95 14.89
CA ARG A 199 -11.77 -9.13 14.45
C ARG A 199 -10.81 -10.29 14.19
N ILE A 200 -10.77 -10.81 12.96
CA ILE A 200 -9.99 -12.00 12.71
C ILE A 200 -8.52 -11.72 13.04
N ARG A 201 -8.06 -10.51 12.75
CA ARG A 201 -6.70 -10.13 13.04
C ARG A 201 -6.32 -10.36 14.52
N ALA A 202 -7.27 -10.08 15.42
CA ALA A 202 -7.04 -10.21 16.86
C ALA A 202 -6.98 -11.68 17.29
N SER A 203 -7.42 -12.58 16.41
CA SER A 203 -7.48 -13.99 16.71
C SER A 203 -6.17 -14.73 16.33
N VAL A 204 -5.15 -14.04 15.82
CA VAL A 204 -4.02 -14.81 15.34
C VAL A 204 -2.73 -14.16 15.85
N PRO A 205 -1.60 -14.91 15.90
CA PRO A 205 -0.33 -14.32 16.29
C PRO A 205 -0.03 -13.11 15.42
N ALA A 206 0.63 -12.13 16.05
CA ALA A 206 0.94 -10.84 15.46
C ALA A 206 1.86 -11.00 14.25
N ASP A 207 2.56 -12.15 14.13
CA ASP A 207 3.52 -12.28 13.04
C ASP A 207 2.93 -13.07 11.87
N TRP A 208 1.70 -13.60 12.04
CA TRP A 208 0.96 -14.10 10.89
C TRP A 208 0.51 -12.91 10.04
N VAL A 209 0.49 -13.09 8.71
CA VAL A 209 0.07 -12.01 7.83
C VAL A 209 -1.40 -12.21 7.49
N VAL A 210 -2.18 -11.13 7.54
CA VAL A 210 -3.62 -11.26 7.36
C VAL A 210 -4.09 -10.24 6.32
N GLY A 211 -5.08 -10.66 5.52
CA GLY A 211 -5.87 -9.75 4.70
C GLY A 211 -7.37 -9.99 4.93
N ASP A 212 -8.16 -8.92 5.10
CA ASP A 212 -9.57 -9.11 5.42
C ASP A 212 -10.42 -7.98 4.85
N LYS A 213 -11.73 -8.21 4.86
CA LYS A 213 -12.72 -7.15 4.74
C LYS A 213 -13.80 -7.36 5.80
N THR A 214 -14.16 -6.30 6.54
CA THR A 214 -15.16 -6.34 7.59
C THR A 214 -16.49 -5.81 7.05
N GLY A 215 -17.55 -5.99 7.83
CA GLY A 215 -18.81 -5.30 7.63
C GLY A 215 -19.56 -5.14 8.95
N SER A 216 -20.33 -4.05 9.05
CA SER A 216 -21.09 -3.65 10.24
C SER A 216 -22.33 -2.90 9.80
N CYS A 217 -23.46 -3.60 9.83
CA CYS A 217 -24.73 -3.06 9.41
C CYS A 217 -25.20 -1.94 10.34
N GLY A 218 -24.80 -1.97 11.63
CA GLY A 218 -25.25 -1.02 12.64
C GLY A 218 -26.72 -1.23 13.03
N ALA A 219 -27.19 -2.48 12.92
CA ALA A 219 -28.57 -2.82 13.20
C ALA A 219 -28.61 -4.31 13.51
N TYR A 220 -29.40 -4.70 14.50
CA TYR A 220 -29.46 -6.11 14.88
C TYR A 220 -28.07 -6.67 15.17
N GLY A 221 -27.16 -5.84 15.71
CA GLY A 221 -25.87 -6.32 16.15
C GLY A 221 -25.12 -7.12 15.08
N THR A 222 -25.37 -6.76 13.81
CA THR A 222 -24.92 -7.51 12.66
C THR A 222 -23.53 -7.01 12.26
N ALA A 223 -22.52 -7.88 12.36
CA ALA A 223 -21.19 -7.56 11.87
C ALA A 223 -20.50 -8.83 11.37
N ASN A 224 -19.50 -8.67 10.51
CA ASN A 224 -18.84 -9.84 9.96
C ASN A 224 -17.41 -9.48 9.60
N ASP A 225 -16.66 -10.51 9.15
CA ASP A 225 -15.29 -10.36 8.73
C ASP A 225 -14.90 -11.65 8.01
N TYR A 226 -14.11 -11.49 6.95
CA TYR A 226 -13.57 -12.61 6.20
C TYR A 226 -12.11 -12.33 5.89
N ALA A 227 -11.29 -13.39 5.90
CA ALA A 227 -9.84 -13.25 5.85
C ALA A 227 -9.21 -14.41 5.12
N VAL A 228 -8.12 -14.08 4.40
CA VAL A 228 -7.03 -14.95 4.02
C VAL A 228 -5.92 -14.73 5.04
N ILE A 229 -5.45 -15.84 5.62
CA ILE A 229 -4.41 -15.79 6.64
C ILE A 229 -3.20 -16.58 6.14
N TRP A 230 -2.01 -15.97 6.19
CA TRP A 230 -0.74 -16.66 5.91
C TRP A 230 0.02 -16.90 7.22
N PRO A 231 -0.08 -18.09 7.87
CA PRO A 231 0.71 -18.35 9.07
C PRO A 231 2.14 -18.55 8.59
N LYS A 232 3.08 -18.30 9.50
CA LYS A 232 4.48 -18.62 9.29
C LYS A 232 4.65 -20.06 8.83
N ASN A 233 5.26 -20.22 7.64
CA ASN A 233 5.75 -21.51 7.17
C ASN A 233 4.61 -22.55 7.08
N ARG A 234 3.40 -22.12 6.71
CA ARG A 234 2.22 -22.98 6.60
C ARG A 234 1.36 -22.49 5.43
N ALA A 235 0.52 -23.40 4.90
CA ALA A 235 -0.39 -23.09 3.81
C ALA A 235 -1.43 -22.06 4.26
N PRO A 236 -1.94 -21.17 3.36
CA PRO A 236 -2.98 -20.21 3.75
C PRO A 236 -4.23 -20.80 4.43
N LEU A 237 -4.88 -20.01 5.30
CA LEU A 237 -6.18 -20.36 5.83
C LEU A 237 -7.22 -19.38 5.28
N ILE A 238 -8.47 -19.86 5.11
CA ILE A 238 -9.57 -18.96 4.81
C ILE A 238 -10.55 -19.00 5.98
N VAL A 239 -10.89 -17.81 6.51
CA VAL A 239 -11.79 -17.70 7.64
C VAL A 239 -12.93 -16.75 7.29
N SER A 240 -14.16 -17.16 7.62
CA SER A 240 -15.31 -16.35 7.28
C SER A 240 -16.32 -16.38 8.43
N ILE A 241 -16.51 -15.23 9.09
CA ILE A 241 -17.34 -15.14 10.29
C ILE A 241 -18.44 -14.09 10.10
N TYR A 242 -19.70 -14.53 10.22
CA TYR A 242 -20.88 -13.68 10.11
C TYR A 242 -21.66 -13.78 11.42
N THR A 243 -22.12 -12.64 11.93
CA THR A 243 -22.91 -12.68 13.16
C THR A 243 -24.11 -11.73 13.02
N THR A 244 -25.21 -12.08 13.67
CA THR A 244 -26.35 -11.20 13.85
C THR A 244 -26.82 -11.35 15.29
N ARG A 245 -27.85 -10.62 15.71
CA ARG A 245 -28.27 -10.68 17.10
C ARG A 245 -29.79 -10.52 17.15
N LYS A 246 -30.39 -10.92 18.29
CA LYS A 246 -31.84 -10.94 18.52
C LYS A 246 -32.51 -9.61 18.20
N SER A 247 -32.00 -8.48 18.73
CA SER A 247 -32.80 -7.25 18.80
C SER A 247 -32.23 -6.13 17.94
N LYS A 248 -33.14 -5.32 17.40
CA LYS A 248 -32.81 -4.27 16.44
C LYS A 248 -31.70 -3.36 16.97
N ASP A 249 -31.72 -3.11 18.29
CA ASP A 249 -30.89 -2.07 18.90
C ASP A 249 -29.57 -2.62 19.46
N ASP A 250 -29.40 -3.95 19.40
CA ASP A 250 -28.19 -4.62 19.89
C ASP A 250 -26.99 -4.06 19.15
N LYS A 251 -25.86 -3.97 19.84
CA LYS A 251 -24.62 -3.55 19.19
C LYS A 251 -23.86 -4.80 18.78
N HIS A 252 -23.06 -4.69 17.70
CA HIS A 252 -22.25 -5.83 17.28
C HIS A 252 -21.17 -6.10 18.32
N SER A 253 -20.65 -7.32 18.33
CA SER A 253 -19.60 -7.73 19.26
C SER A 253 -18.33 -8.15 18.52
N ASP A 254 -17.32 -7.26 18.53
CA ASP A 254 -16.01 -7.57 17.94
C ASP A 254 -15.40 -8.79 18.59
N LYS A 255 -15.59 -8.90 19.92
CA LYS A 255 -14.97 -9.94 20.71
C LYS A 255 -15.50 -11.32 20.31
N THR A 256 -16.78 -11.41 19.99
CA THR A 256 -17.43 -12.65 19.55
C THR A 256 -16.83 -13.06 18.21
N ILE A 257 -16.55 -12.08 17.33
CA ILE A 257 -16.04 -12.40 16.01
C ILE A 257 -14.63 -12.92 16.18
N ALA A 258 -13.80 -12.22 16.95
CA ALA A 258 -12.43 -12.64 17.20
C ALA A 258 -12.40 -14.05 17.78
N GLU A 259 -13.27 -14.29 18.79
CA GLU A 259 -13.32 -15.57 19.47
C GLU A 259 -13.83 -16.68 18.56
N ALA A 260 -14.88 -16.43 17.77
CA ALA A 260 -15.37 -17.46 16.86
C ALA A 260 -14.27 -17.78 15.84
N SER A 261 -13.41 -16.82 15.52
CA SER A 261 -12.31 -17.04 14.61
C SER A 261 -11.28 -17.99 15.26
N ARG A 262 -10.96 -17.71 16.53
N ARG A 262 -10.95 -17.72 16.53
CA ARG A 262 -10.03 -18.55 17.30
CA ARG A 262 -10.03 -18.55 17.29
C ARG A 262 -10.51 -20.00 17.28
C ARG A 262 -10.51 -20.01 17.27
N ILE A 263 -11.80 -20.21 17.50
CA ILE A 263 -12.37 -21.56 17.58
C ILE A 263 -12.25 -22.25 16.23
N ALA A 264 -12.57 -21.50 15.17
CA ALA A 264 -12.57 -21.99 13.80
C ALA A 264 -11.15 -22.38 13.38
N ILE A 265 -10.16 -21.55 13.70
CA ILE A 265 -8.81 -21.82 13.28
C ILE A 265 -8.27 -23.05 13.99
N GLN A 266 -8.79 -23.30 15.21
CA GLN A 266 -8.37 -24.47 15.96
C GLN A 266 -9.01 -25.75 15.40
N ALA A 267 -10.29 -25.66 14.99
CA ALA A 267 -11.04 -26.78 14.44
C ALA A 267 -10.40 -27.37 13.17
N ILE A 268 -9.63 -26.61 12.38
CA ILE A 268 -8.99 -27.10 11.16
C ILE A 268 -7.49 -27.30 11.36
N ASP A 269 -7.02 -27.22 12.62
CA ASP A 269 -5.62 -27.31 12.98
C ASP A 269 -5.11 -28.75 12.80
N ASN B 3 16.50 -16.53 10.88
CA ASN B 3 16.34 -16.05 12.28
C ASN B 3 17.15 -14.75 12.49
N LYS B 4 18.03 -14.39 11.54
CA LYS B 4 18.79 -13.13 11.58
C LYS B 4 17.93 -12.02 11.00
N SER B 5 17.21 -12.37 9.92
CA SER B 5 16.07 -11.66 9.37
C SER B 5 15.04 -11.32 10.47
N ASP B 6 14.57 -12.34 11.20
CA ASP B 6 13.52 -12.20 12.20
C ASP B 6 13.96 -11.33 13.37
N ALA B 7 15.26 -11.32 13.68
CA ALA B 7 15.79 -10.49 14.74
C ALA B 7 15.68 -9.02 14.34
N ALA B 8 16.31 -8.69 13.20
CA ALA B 8 16.25 -7.39 12.57
C ALA B 8 14.80 -6.87 12.52
N ALA B 9 13.85 -7.75 12.19
CA ALA B 9 12.46 -7.35 12.07
C ALA B 9 11.87 -6.97 13.43
N LYS B 10 12.15 -7.77 14.48
CA LYS B 10 11.69 -7.45 15.82
C LYS B 10 12.20 -6.08 16.25
N GLN B 11 13.41 -5.73 15.80
CA GLN B 11 14.05 -4.48 16.21
C GLN B 11 13.43 -3.29 15.47
N ILE B 12 13.01 -3.50 14.21
CA ILE B 12 12.44 -2.38 13.48
C ILE B 12 11.04 -2.12 14.05
N LYS B 13 10.34 -3.19 14.42
CA LYS B 13 8.98 -3.13 14.91
C LYS B 13 8.94 -2.37 16.24
N LYS B 14 10.00 -2.52 17.03
CA LYS B 14 10.05 -1.86 18.32
C LYS B 14 10.41 -0.39 18.10
N LEU B 15 11.37 -0.15 17.21
CA LEU B 15 11.74 1.19 16.82
C LEU B 15 10.51 1.95 16.28
N GLU B 16 9.62 1.27 15.56
CA GLU B 16 8.48 1.96 15.00
C GLU B 16 7.45 2.25 16.10
N GLU B 17 7.38 1.38 17.12
CA GLU B 17 6.44 1.56 18.22
C GLU B 17 6.90 2.67 19.16
N ASP B 18 8.22 2.84 19.29
CA ASP B 18 8.81 3.82 20.19
C ASP B 18 8.54 5.26 19.74
N PHE B 19 8.53 5.52 18.42
CA PHE B 19 8.26 6.87 17.94
C PHE B 19 6.85 6.93 17.33
N ASP B 20 6.11 5.84 17.48
CA ASP B 20 4.68 5.84 17.22
C ASP B 20 4.43 6.15 15.75
N GLY B 21 5.06 5.37 14.88
CA GLY B 21 4.83 5.51 13.46
C GLY B 21 5.10 4.20 12.74
N ARG B 22 5.69 4.35 11.55
CA ARG B 22 5.77 3.27 10.59
C ARG B 22 7.08 3.36 9.81
N ILE B 23 7.87 2.29 9.81
CA ILE B 23 9.16 2.25 9.17
C ILE B 23 9.18 1.19 8.07
N GLY B 24 9.63 1.60 6.88
CA GLY B 24 9.78 0.66 5.78
C GLY B 24 11.24 0.58 5.33
N VAL B 25 11.73 -0.64 5.17
CA VAL B 25 13.16 -0.84 4.94
C VAL B 25 13.35 -1.85 3.83
N PHE B 26 14.35 -1.61 2.96
CA PHE B 26 14.86 -2.66 2.10
C PHE B 26 16.35 -2.47 1.87
N ALA B 27 17.11 -3.55 2.03
CA ALA B 27 18.56 -3.47 1.89
C ALA B 27 19.09 -4.68 1.12
N ILE B 28 20.10 -4.42 0.27
CA ILE B 28 20.70 -5.39 -0.64
C ILE B 28 22.21 -5.37 -0.44
N ASP B 29 22.81 -6.54 -0.24
CA ASP B 29 24.25 -6.68 -0.38
C ASP B 29 24.53 -7.13 -1.81
N THR B 30 25.07 -6.24 -2.67
CA THR B 30 25.20 -6.56 -4.09
C THR B 30 26.22 -7.69 -4.33
N GLY B 31 27.04 -8.01 -3.31
CA GLY B 31 28.14 -8.95 -3.45
C GLY B 31 27.71 -10.37 -3.14
N SER B 32 26.69 -10.55 -2.30
CA SER B 32 26.10 -11.85 -2.04
C SER B 32 24.70 -11.95 -2.67
N GLY B 33 24.03 -10.82 -2.91
CA GLY B 33 22.61 -10.87 -3.25
C GLY B 33 21.68 -10.96 -2.02
N ASN B 34 22.28 -10.96 -0.82
CA ASN B 34 21.48 -11.04 0.40
C ASN B 34 20.63 -9.79 0.59
N THR B 35 19.37 -9.97 0.98
CA THR B 35 18.47 -8.86 1.16
C THR B 35 17.80 -8.96 2.53
N PHE B 36 17.44 -7.79 3.08
CA PHE B 36 16.53 -7.69 4.22
C PHE B 36 15.46 -6.65 3.90
N GLY B 37 14.21 -6.93 4.27
CA GLY B 37 13.14 -5.95 4.16
C GLY B 37 12.17 -5.99 5.35
N TYR B 38 11.53 -4.85 5.58
CA TYR B 38 10.51 -4.69 6.60
C TYR B 38 9.49 -3.70 6.06
N ARG B 39 8.24 -4.15 5.91
CA ARG B 39 7.19 -3.44 5.20
C ARG B 39 7.73 -3.00 3.85
N SER B 40 8.49 -3.86 3.18
CA SER B 40 9.21 -3.45 1.98
C SER B 40 8.28 -3.33 0.75
N ASP B 41 7.03 -3.79 0.89
CA ASP B 41 6.04 -3.71 -0.17
C ASP B 41 4.90 -2.75 0.17
N GLU B 42 5.03 -2.01 1.28
CA GLU B 42 4.00 -1.03 1.60
C GLU B 42 4.38 0.32 0.99
N ARG B 43 3.38 1.17 0.79
CA ARG B 43 3.55 2.48 0.18
C ARG B 43 4.01 3.51 1.21
N PHE B 44 4.98 4.35 0.84
CA PHE B 44 5.39 5.48 1.64
C PHE B 44 5.54 6.70 0.74
N PRO B 45 5.20 7.94 1.20
CA PRO B 45 5.42 9.14 0.38
C PRO B 45 6.87 9.24 -0.07
N LEU B 46 7.10 9.63 -1.32
CA LEU B 46 8.45 9.91 -1.82
C LEU B 46 9.07 11.15 -1.18
N CYS B 47 8.26 12.20 -0.93
CA CYS B 47 8.80 13.52 -0.64
C CYS B 47 9.77 13.92 -1.75
N SER B 48 10.87 14.58 -1.40
CA SER B 48 11.85 15.02 -2.35
C SER B 48 12.64 13.85 -2.95
N SER B 49 12.41 12.63 -2.48
CA SER B 49 13.43 11.61 -2.72
C SER B 49 13.46 11.23 -4.20
N PHE B 50 12.35 11.48 -4.90
CA PHE B 50 12.23 11.14 -6.30
C PHE B 50 13.25 11.94 -7.13
N LYS B 51 13.81 13.00 -6.54
CA LYS B 51 14.73 13.84 -7.27
C LYS B 51 15.98 13.05 -7.68
N GLY B 52 16.30 12.04 -6.89
CA GLY B 52 17.42 11.17 -7.24
C GLY B 52 17.17 10.45 -8.56
N PHE B 53 15.90 10.10 -8.82
CA PHE B 53 15.53 9.35 -10.01
C PHE B 53 15.33 10.31 -11.17
N LEU B 54 14.98 11.55 -10.82
CA LEU B 54 14.75 12.57 -11.82
C LEU B 54 16.08 12.87 -12.49
N ALA B 55 17.14 12.86 -11.69
CA ALA B 55 18.46 13.23 -12.14
C ALA B 55 19.04 12.11 -13.03
N ALA B 56 18.64 10.88 -12.73
CA ALA B 56 18.97 9.71 -13.53
C ALA B 56 18.27 9.81 -14.88
N ALA B 57 16.99 10.19 -14.85
CA ALA B 57 16.19 10.37 -16.06
C ALA B 57 16.87 11.35 -17.01
N VAL B 58 17.33 12.50 -16.50
CA VAL B 58 18.06 13.49 -17.28
C VAL B 58 19.30 12.87 -17.91
N LEU B 59 20.07 12.13 -17.11
CA LEU B 59 21.30 11.54 -17.63
C LEU B 59 20.98 10.51 -18.72
N GLU B 60 19.88 9.77 -18.55
CA GLU B 60 19.46 8.84 -19.58
C GLU B 60 19.28 9.61 -20.89
N ARG B 61 18.58 10.75 -20.82
CA ARG B 61 18.32 11.55 -22.01
C ARG B 61 19.64 12.04 -22.60
N VAL B 62 20.59 12.47 -21.74
CA VAL B 62 21.87 12.97 -22.22
C VAL B 62 22.62 11.89 -23.01
N GLN B 63 22.54 10.66 -22.49
CA GLN B 63 23.21 9.51 -23.05
C GLN B 63 22.58 9.17 -24.40
N GLN B 64 21.24 9.27 -24.50
CA GLN B 64 20.50 9.03 -25.73
C GLN B 64 20.65 10.16 -26.76
N LYS B 65 21.42 11.22 -26.42
CA LYS B 65 21.62 12.38 -27.29
C LYS B 65 20.33 13.18 -27.47
N LYS B 66 19.36 13.03 -26.56
CA LYS B 66 18.14 13.82 -26.62
C LYS B 66 18.35 15.21 -26.02
N LEU B 67 19.41 15.36 -25.21
CA LEU B 67 19.74 16.58 -24.47
C LEU B 67 21.26 16.63 -24.37
N ASP B 68 21.83 17.81 -24.14
CA ASP B 68 23.26 17.99 -23.92
C ASP B 68 23.45 18.47 -22.48
N ILE B 69 24.46 17.92 -21.80
CA ILE B 69 24.65 18.15 -20.36
C ILE B 69 25.11 19.59 -20.09
N ASN B 70 25.59 20.28 -21.14
CA ASN B 70 26.14 21.63 -21.05
C ASN B 70 25.21 22.70 -21.64
N GLN B 71 24.01 22.29 -22.09
CA GLN B 71 23.05 23.22 -22.68
C GLN B 71 22.48 24.15 -21.59
N LYS B 72 22.42 25.45 -21.91
CA LYS B 72 22.01 26.51 -21.00
C LYS B 72 20.50 26.42 -20.78
N VAL B 73 20.09 26.34 -19.51
CA VAL B 73 18.69 26.44 -19.14
C VAL B 73 18.48 27.81 -18.50
N LYS B 74 17.69 28.66 -19.17
CA LYS B 74 17.44 30.03 -18.76
C LYS B 74 16.07 30.07 -18.09
N TYR B 75 15.90 30.93 -17.08
CA TYR B 75 14.64 30.98 -16.36
C TYR B 75 14.44 32.36 -15.73
N GLU B 76 14.94 33.39 -16.43
CA GLU B 76 15.15 34.73 -15.89
C GLU B 76 13.88 35.28 -15.26
N SER B 77 12.70 34.83 -15.74
CA SER B 77 11.44 35.45 -15.36
C SER B 77 10.65 34.61 -14.36
N ARG B 78 11.15 33.40 -14.04
CA ARG B 78 10.41 32.44 -13.25
C ARG B 78 10.24 32.97 -11.82
N ASP B 79 9.04 32.75 -11.28
CA ASP B 79 8.84 32.86 -9.85
C ASP B 79 9.34 31.56 -9.20
N LEU B 80 10.60 31.53 -8.71
CA LEU B 80 11.19 30.33 -8.15
C LEU B 80 10.45 29.85 -6.90
N GLU B 81 10.10 28.55 -6.91
CA GLU B 81 9.47 27.82 -5.83
C GLU B 81 10.33 27.93 -4.56
N TYR B 82 9.64 27.86 -3.40
CA TYR B 82 10.27 27.73 -2.10
C TYR B 82 11.33 26.63 -2.12
N HIS B 83 12.45 26.91 -1.45
CA HIS B 83 13.57 25.99 -1.30
C HIS B 83 14.20 25.72 -2.68
N SER B 84 14.62 26.81 -3.34
CA SER B 84 15.45 26.74 -4.52
C SER B 84 16.73 27.48 -4.21
N PRO B 85 17.59 26.97 -3.30
CA PRO B 85 18.82 27.68 -2.94
C PRO B 85 19.81 27.78 -4.10
N ILE B 86 19.79 26.84 -5.03
CA ILE B 86 20.86 26.89 -6.05
C ILE B 86 20.38 27.74 -7.23
N THR B 87 19.19 27.40 -7.74
CA THR B 87 18.58 28.12 -8.84
C THR B 87 18.39 29.62 -8.49
N THR B 88 18.07 29.97 -7.23
CA THR B 88 18.02 31.38 -6.85
C THR B 88 19.35 32.08 -7.16
N LYS B 89 20.47 31.41 -6.85
CA LYS B 89 21.80 31.94 -7.07
C LYS B 89 22.09 32.22 -8.57
N TYR B 90 21.46 31.51 -9.51
CA TYR B 90 21.87 31.61 -10.90
C TYR B 90 20.75 32.18 -11.75
N LYS B 91 19.74 32.75 -11.11
CA LYS B 91 18.54 33.19 -11.79
C LYS B 91 18.89 34.10 -12.97
N GLY B 92 19.90 34.96 -12.76
CA GLY B 92 20.26 35.95 -13.76
C GLY B 92 20.89 35.32 -14.99
N SER B 93 21.76 34.33 -14.79
CA SER B 93 22.60 33.88 -15.88
C SER B 93 22.12 32.54 -16.45
N GLY B 94 21.28 31.79 -15.72
CA GLY B 94 20.97 30.41 -16.12
C GLY B 94 22.01 29.41 -15.58
N MET B 95 21.78 28.11 -15.86
CA MET B 95 22.67 27.05 -15.41
C MET B 95 22.76 25.99 -16.51
N THR B 96 23.83 25.18 -16.51
CA THR B 96 23.84 24.05 -17.44
C THR B 96 22.82 23.00 -16.96
N LEU B 97 22.32 22.20 -17.90
CA LEU B 97 21.35 21.16 -17.57
C LEU B 97 21.95 20.23 -16.51
N GLY B 98 23.25 19.91 -16.63
CA GLY B 98 23.96 19.07 -15.69
C GLY B 98 23.97 19.67 -14.26
N ASP B 99 24.39 20.94 -14.16
CA ASP B 99 24.43 21.62 -12.88
C ASP B 99 23.03 21.69 -12.26
N MET B 100 22.03 21.80 -13.14
CA MET B 100 20.68 22.01 -12.68
C MET B 100 20.12 20.71 -12.11
N ALA B 101 20.38 19.61 -12.83
CA ALA B 101 19.93 18.29 -12.40
C ALA B 101 20.63 17.89 -11.10
N SER B 102 21.94 18.18 -11.00
CA SER B 102 22.67 17.85 -9.78
C SER B 102 22.20 18.69 -8.60
N ALA B 103 21.92 19.98 -8.82
CA ALA B 103 21.32 20.82 -7.79
C ALA B 103 19.97 20.26 -7.34
N ALA B 104 19.16 19.75 -8.28
CA ALA B 104 17.90 19.12 -7.90
C ALA B 104 18.18 17.95 -6.96
N LEU B 105 19.29 17.23 -7.17
CA LEU B 105 19.63 16.07 -6.36
C LEU B 105 20.26 16.53 -5.05
N GLN B 106 21.34 17.32 -5.13
CA GLN B 106 22.26 17.54 -4.01
C GLN B 106 21.70 18.47 -2.95
N TYR B 107 20.80 19.38 -3.33
CA TYR B 107 20.32 20.41 -2.42
C TYR B 107 18.81 20.38 -2.39
N SER B 108 18.22 19.47 -3.20
CA SER B 108 16.79 19.28 -3.23
C SER B 108 16.12 20.58 -3.66
N ASP B 109 16.69 21.20 -4.70
CA ASP B 109 16.24 22.45 -5.31
C ASP B 109 14.93 22.21 -6.07
N ASN B 110 13.83 22.79 -5.56
CA ASN B 110 12.51 22.61 -6.15
C ASN B 110 12.40 23.34 -7.51
N GLY B 111 13.07 24.47 -7.65
CA GLY B 111 13.09 25.16 -8.92
C GLY B 111 13.77 24.33 -10.01
N ALA B 112 14.94 23.73 -9.68
CA ALA B 112 15.61 22.86 -10.63
C ALA B 112 14.64 21.74 -10.98
N THR B 113 13.96 21.24 -9.95
CA THR B 113 13.13 20.05 -10.12
C THR B 113 12.05 20.35 -11.14
N ASN B 114 11.32 21.45 -10.94
CA ASN B 114 10.10 21.73 -11.69
C ASN B 114 10.45 22.21 -13.09
N ILE B 115 11.56 22.92 -13.22
CA ILE B 115 11.96 23.36 -14.54
C ILE B 115 12.23 22.13 -15.41
N ILE B 116 13.00 21.19 -14.85
CA ILE B 116 13.42 20.01 -15.59
C ILE B 116 12.20 19.16 -15.96
N MET B 117 11.23 19.02 -15.05
CA MET B 117 10.08 18.18 -15.34
C MET B 117 9.17 18.84 -16.37
N GLU B 118 9.14 20.18 -16.38
CA GLU B 118 8.21 20.83 -17.27
C GLU B 118 8.82 20.92 -18.66
N ARG B 119 10.15 21.00 -18.76
CA ARG B 119 10.74 21.26 -20.07
C ARG B 119 11.27 19.98 -20.73
N PHE B 120 11.74 19.02 -19.95
CA PHE B 120 12.55 17.94 -20.53
C PHE B 120 11.95 16.56 -20.26
N LEU B 121 11.12 16.41 -19.21
CA LEU B 121 10.84 15.06 -18.72
C LEU B 121 9.37 14.70 -18.83
N GLY B 122 8.53 15.65 -19.29
CA GLY B 122 7.10 15.37 -19.43
C GLY B 122 6.34 15.41 -18.10
N GLY B 123 6.85 16.16 -17.10
CA GLY B 123 6.14 16.35 -15.84
C GLY B 123 6.04 15.08 -15.02
N PRO B 124 5.12 15.00 -14.02
CA PRO B 124 4.99 13.84 -13.14
C PRO B 124 4.73 12.53 -13.87
N GLU B 125 3.84 12.58 -14.88
CA GLU B 125 3.54 11.39 -15.63
C GLU B 125 4.77 10.91 -16.41
N GLY B 126 5.56 11.83 -16.97
CA GLY B 126 6.78 11.44 -17.68
C GLY B 126 7.83 10.86 -16.72
N MET B 127 7.90 11.45 -15.51
CA MET B 127 8.80 10.96 -14.47
C MET B 127 8.40 9.52 -14.13
N THR B 128 7.09 9.23 -14.14
CA THR B 128 6.58 7.90 -13.84
C THR B 128 6.88 6.96 -15.01
N LYS B 129 6.77 7.45 -16.25
CA LYS B 129 7.03 6.63 -17.44
C LYS B 129 8.50 6.20 -17.44
N PHE B 130 9.40 7.12 -17.04
CA PHE B 130 10.80 6.78 -16.93
C PHE B 130 11.00 5.57 -16.02
N MET B 131 10.29 5.56 -14.87
CA MET B 131 10.45 4.54 -13.86
C MET B 131 9.90 3.18 -14.36
N ARG B 132 8.71 3.19 -14.96
CA ARG B 132 8.15 2.03 -15.64
C ARG B 132 9.14 1.44 -16.64
N SER B 133 9.83 2.32 -17.38
CA SER B 133 10.78 1.89 -18.40
C SER B 133 12.03 1.22 -17.81
N ILE B 134 12.30 1.36 -16.50
CA ILE B 134 13.42 0.61 -15.98
C ILE B 134 12.90 -0.58 -15.18
N GLY B 135 11.61 -0.89 -15.28
CA GLY B 135 11.11 -2.08 -14.60
C GLY B 135 10.54 -1.76 -13.21
N ASP B 136 10.25 -0.50 -12.96
CA ASP B 136 9.70 -0.13 -11.66
C ASP B 136 8.19 0.08 -11.76
N ASN B 137 7.43 -0.82 -11.15
CA ASN B 137 5.98 -0.82 -11.26
C ASN B 137 5.27 -0.16 -10.08
N GLU B 138 6.00 0.19 -9.01
CA GLU B 138 5.31 0.71 -7.85
C GLU B 138 5.39 2.23 -7.81
N PHE B 139 6.44 2.80 -8.40
CA PHE B 139 6.71 4.23 -8.31
C PHE B 139 5.61 5.04 -9.03
N ARG B 140 4.96 5.98 -8.33
CA ARG B 140 4.10 6.94 -9.01
C ARG B 140 4.39 8.35 -8.50
N LEU B 141 4.64 9.25 -9.47
CA LEU B 141 4.64 10.68 -9.20
C LEU B 141 3.39 11.30 -9.83
N ASP B 142 2.62 12.04 -9.02
CA ASP B 142 1.29 12.49 -9.37
C ASP B 142 1.23 14.01 -9.45
N ARG B 143 2.08 14.69 -8.67
CA ARG B 143 2.00 16.13 -8.45
C ARG B 143 3.39 16.71 -8.57
N TRP B 144 3.47 18.05 -8.63
CA TRP B 144 4.70 18.78 -8.88
C TRP B 144 5.45 19.08 -7.57
N ALA B 145 6.63 19.70 -7.68
CA ALA B 145 7.60 19.72 -6.59
C ALA B 145 6.99 20.06 -5.23
N LEU B 146 6.13 21.06 -5.16
CA LEU B 146 5.82 21.58 -3.85
C LEU B 146 4.49 21.03 -3.34
N GLU B 147 3.72 20.45 -4.25
N GLU B 147 3.70 20.45 -4.24
CA GLU B 147 2.36 20.03 -3.97
CA GLU B 147 2.35 20.01 -3.91
C GLU B 147 2.33 18.54 -3.64
C GLU B 147 2.37 18.57 -3.42
N LEU B 148 3.49 17.86 -3.61
CA LEU B 148 3.50 16.43 -3.36
C LEU B 148 3.83 16.06 -1.91
N ASN B 149 3.90 17.06 -1.01
CA ASN B 149 4.47 16.86 0.32
C ASN B 149 3.38 16.80 1.38
N THR B 150 2.17 16.44 0.99
CA THR B 150 1.08 16.49 1.95
C THR B 150 1.11 15.26 2.86
N ALA B 151 1.67 14.14 2.36
CA ALA B 151 1.87 12.89 3.09
C ALA B 151 0.63 12.51 3.91
N ILE B 152 -0.54 12.57 3.26
CA ILE B 152 -1.79 12.27 3.94
C ILE B 152 -1.89 10.75 4.14
N PRO B 153 -2.25 10.26 5.36
CA PRO B 153 -2.40 8.82 5.60
C PRO B 153 -3.48 8.30 4.63
N GLY B 154 -3.20 7.17 3.99
CA GLY B 154 -4.18 6.56 3.09
C GLY B 154 -3.95 7.02 1.65
N ASP B 155 -3.23 8.12 1.45
CA ASP B 155 -3.12 8.71 0.13
C ASP B 155 -2.01 8.01 -0.65
N LYS B 156 -2.35 7.48 -1.83
CA LYS B 156 -1.39 6.71 -2.61
C LYS B 156 -0.62 7.60 -3.58
N ARG B 157 -0.96 8.88 -3.64
CA ARG B 157 -0.28 9.77 -4.58
C ARG B 157 1.17 9.97 -4.13
N ASP B 158 2.08 9.91 -5.13
CA ASP B 158 3.48 10.24 -4.93
C ASP B 158 4.13 9.31 -3.89
N THR B 159 3.91 8.00 -4.09
CA THR B 159 4.44 7.00 -3.19
C THR B 159 5.20 5.96 -4.00
N SER B 160 6.06 5.23 -3.31
CA SER B 160 6.65 4.00 -3.80
C SER B 160 6.71 3.02 -2.63
N THR B 161 7.47 1.93 -2.77
CA THR B 161 7.73 1.01 -1.67
C THR B 161 9.24 1.02 -1.42
N PRO B 162 9.71 0.71 -0.20
CA PRO B 162 11.16 0.65 0.03
C PRO B 162 11.93 -0.24 -0.95
N LYS B 163 11.32 -1.40 -1.28
CA LYS B 163 11.88 -2.41 -2.18
C LYS B 163 12.01 -1.84 -3.60
N ALA B 164 10.94 -1.19 -4.06
CA ALA B 164 10.94 -0.64 -5.41
C ALA B 164 12.04 0.41 -5.48
N VAL B 165 12.15 1.21 -4.42
CA VAL B 165 13.15 2.25 -4.40
C VAL B 165 14.55 1.63 -4.42
N ALA B 166 14.78 0.57 -3.61
CA ALA B 166 16.08 -0.09 -3.56
C ALA B 166 16.48 -0.68 -4.92
N ASN B 167 15.57 -1.47 -5.51
CA ASN B 167 15.79 -2.11 -6.79
C ASN B 167 16.13 -1.04 -7.83
N SER B 168 15.28 -0.02 -7.91
CA SER B 168 15.51 1.03 -8.88
C SER B 168 16.87 1.68 -8.67
N LEU B 169 17.24 1.95 -7.43
CA LEU B 169 18.51 2.63 -7.19
C LEU B 169 19.65 1.73 -7.64
N ASN B 170 19.46 0.43 -7.42
CA ASN B 170 20.45 -0.57 -7.80
C ASN B 170 20.62 -0.50 -9.32
N LYS B 171 19.48 -0.49 -10.05
CA LYS B 171 19.50 -0.52 -11.50
C LYS B 171 20.22 0.71 -12.06
N LEU B 172 19.99 1.86 -11.40
CA LEU B 172 20.45 3.15 -11.91
C LEU B 172 21.88 3.42 -11.46
N ALA B 173 22.19 3.11 -10.20
CA ALA B 173 23.49 3.49 -9.64
C ALA B 173 24.57 2.45 -9.94
N LEU B 174 24.17 1.16 -10.06
CA LEU B 174 25.12 0.06 -10.15
C LEU B 174 24.89 -0.75 -11.43
N GLY B 175 23.68 -0.69 -11.99
CA GLY B 175 23.35 -1.58 -13.10
C GLY B 175 23.61 -0.96 -14.46
N ASN B 176 22.69 -1.21 -15.41
CA ASN B 176 22.91 -1.09 -16.84
C ASN B 176 22.11 0.01 -17.52
N VAL B 177 21.34 0.80 -16.76
CA VAL B 177 20.50 1.83 -17.35
C VAL B 177 21.41 2.88 -18.01
N LEU B 178 22.49 3.25 -17.32
CA LEU B 178 23.42 4.27 -17.77
C LEU B 178 24.74 3.58 -18.10
N ASN B 179 25.41 4.02 -19.18
CA ASN B 179 26.69 3.44 -19.56
C ASN B 179 27.74 3.87 -18.54
N ALA B 180 28.98 3.45 -18.75
CA ALA B 180 29.99 3.53 -17.68
C ALA B 180 30.33 4.99 -17.39
N LYS B 181 30.39 5.83 -18.43
CA LYS B 181 30.77 7.22 -18.27
C LYS B 181 29.67 7.99 -17.53
N VAL B 182 28.42 7.77 -17.93
CA VAL B 182 27.29 8.54 -17.46
C VAL B 182 26.92 8.06 -16.05
N LYS B 183 27.03 6.76 -15.82
CA LYS B 183 26.76 6.21 -14.49
C LYS B 183 27.77 6.79 -13.50
N ALA B 184 29.03 7.01 -13.90
CA ALA B 184 30.02 7.57 -13.00
C ALA B 184 29.61 8.99 -12.59
N ILE B 185 29.03 9.72 -13.54
CA ILE B 185 28.57 11.09 -13.29
C ILE B 185 27.47 11.01 -12.22
N TYR B 186 26.60 10.01 -12.35
CA TYR B 186 25.44 9.87 -11.50
C TYR B 186 25.90 9.59 -10.07
N GLN B 187 26.96 8.76 -9.97
CA GLN B 187 27.54 8.35 -8.71
C GLN B 187 28.16 9.56 -8.01
N ASN B 188 28.99 10.32 -8.75
CA ASN B 188 29.57 11.53 -8.24
C ASN B 188 28.48 12.42 -7.66
N TRP B 189 27.32 12.48 -8.35
CA TRP B 189 26.20 13.33 -7.96
C TRP B 189 25.64 12.84 -6.61
N LEU B 190 25.28 11.55 -6.56
CA LEU B 190 24.84 10.91 -5.34
C LEU B 190 25.84 11.13 -4.21
N LYS B 191 27.13 10.92 -4.51
CA LYS B 191 28.13 10.98 -3.45
C LYS B 191 28.15 12.37 -2.84
N GLY B 192 27.97 13.42 -3.67
CA GLY B 192 28.07 14.82 -3.27
C GLY B 192 26.79 15.36 -2.63
N ASN B 193 25.82 14.50 -2.31
CA ASN B 193 24.58 14.93 -1.67
C ASN B 193 24.90 15.60 -0.34
N THR B 194 24.18 16.70 -0.04
CA THR B 194 24.54 17.50 1.12
C THR B 194 23.50 17.43 2.24
N THR B 195 22.41 16.67 2.07
CA THR B 195 21.27 16.82 2.96
C THR B 195 21.06 15.60 3.86
N GLY B 196 21.98 14.63 3.82
CA GLY B 196 21.69 13.34 4.45
C GLY B 196 22.73 12.88 5.47
N ASP B 197 23.42 13.85 6.09
CA ASP B 197 24.45 13.59 7.10
C ASP B 197 23.91 12.90 8.35
N ALA B 198 22.63 13.11 8.68
CA ALA B 198 22.00 12.60 9.90
C ALA B 198 21.26 11.28 9.63
N ARG B 199 21.30 10.79 8.38
CA ARG B 199 20.49 9.63 8.06
C ARG B 199 21.41 8.41 7.81
N ILE B 200 21.32 7.82 6.61
CA ILE B 200 22.06 6.59 6.36
C ILE B 200 23.55 6.83 6.56
N ARG B 201 24.04 8.02 6.19
CA ARG B 201 25.44 8.37 6.38
C ARG B 201 25.88 8.18 7.83
N ALA B 202 25.00 8.55 8.78
CA ALA B 202 25.31 8.50 10.20
C ALA B 202 25.36 7.05 10.69
N SER B 203 24.84 6.12 9.90
CA SER B 203 24.78 4.72 10.28
C SER B 203 26.03 3.93 9.86
N VAL B 204 27.05 4.56 9.27
CA VAL B 204 28.13 3.74 8.73
C VAL B 204 29.46 4.40 9.07
N PRO B 205 30.58 3.64 9.10
CA PRO B 205 31.90 4.24 9.34
C PRO B 205 32.15 5.40 8.39
N ALA B 206 32.83 6.43 8.91
CA ALA B 206 33.08 7.67 8.19
C ALA B 206 34.03 7.43 7.00
N ASP B 207 34.68 6.27 6.93
CA ASP B 207 35.58 6.04 5.80
C ASP B 207 34.91 5.20 4.70
N TRP B 208 33.69 4.70 4.96
CA TRP B 208 32.86 4.17 3.89
C TRP B 208 32.40 5.32 2.99
N VAL B 209 32.29 5.06 1.67
CA VAL B 209 31.87 6.09 0.74
C VAL B 209 30.36 5.95 0.52
N VAL B 210 29.63 7.05 0.60
CA VAL B 210 28.17 6.97 0.52
C VAL B 210 27.66 7.96 -0.54
N GLY B 211 26.61 7.56 -1.25
CA GLY B 211 25.78 8.45 -2.07
C GLY B 211 24.31 8.28 -1.71
N ASP B 212 23.58 9.38 -1.50
CA ASP B 212 22.19 9.24 -1.07
C ASP B 212 21.32 10.37 -1.63
N LYS B 213 20.00 10.17 -1.55
CA LYS B 213 19.03 11.25 -1.67
C LYS B 213 18.03 11.15 -0.52
N THR B 214 17.76 12.27 0.19
CA THR B 214 16.82 12.34 1.30
C THR B 214 15.48 12.87 0.81
N GLY B 215 14.45 12.76 1.67
CA GLY B 215 13.20 13.47 1.49
C GLY B 215 12.56 13.71 2.86
N SER B 216 11.90 14.88 2.99
CA SER B 216 11.23 15.36 4.20
C SER B 216 9.98 16.13 3.80
N CYS B 217 8.85 15.49 3.94
CA CYS B 217 7.59 16.07 3.54
C CYS B 217 7.22 17.26 4.43
N GLY B 218 7.70 17.27 5.67
CA GLY B 218 7.34 18.29 6.65
C GLY B 218 5.90 18.14 7.15
N ALA B 219 5.36 16.93 7.12
CA ALA B 219 4.00 16.67 7.55
C ALA B 219 3.91 15.21 7.93
N TYR B 220 3.17 14.90 9.01
CA TYR B 220 3.05 13.51 9.42
C TYR B 220 4.44 12.87 9.64
N GLY B 221 5.40 13.64 10.13
CA GLY B 221 6.71 13.11 10.51
C GLY B 221 7.34 12.26 9.40
N THR B 222 7.02 12.58 8.14
CA THR B 222 7.36 11.74 6.99
C THR B 222 8.74 12.15 6.49
N ALA B 223 9.70 11.23 6.52
CA ALA B 223 11.01 11.47 5.95
C ALA B 223 11.62 10.17 5.47
N ASN B 224 12.60 10.24 4.57
CA ASN B 224 13.18 9.02 4.03
C ASN B 224 14.59 9.32 3.56
N ASP B 225 15.29 8.25 3.13
CA ASP B 225 16.65 8.31 2.61
C ASP B 225 16.95 6.98 1.93
N TYR B 226 17.69 7.07 0.82
CA TYR B 226 18.13 5.90 0.09
C TYR B 226 19.59 6.13 -0.33
N ALA B 227 20.39 5.05 -0.32
CA ALA B 227 21.83 5.15 -0.45
C ALA B 227 22.40 3.93 -1.16
N VAL B 228 23.44 4.21 -1.95
CA VAL B 228 24.46 3.27 -2.40
C VAL B 228 25.65 3.48 -1.47
N ILE B 229 26.12 2.39 -0.86
CA ILE B 229 27.21 2.43 0.09
C ILE B 229 28.36 1.57 -0.45
N TRP B 230 29.56 2.15 -0.52
CA TRP B 230 30.78 1.43 -0.85
C TRP B 230 31.62 1.22 0.41
N PRO B 231 31.55 0.03 1.09
CA PRO B 231 32.39 -0.22 2.26
C PRO B 231 33.79 -0.45 1.70
N LYS B 232 34.82 -0.15 2.48
CA LYS B 232 36.16 -0.34 1.96
C LYS B 232 36.40 -1.84 1.75
N ASN B 233 36.84 -2.15 0.51
CA ASN B 233 37.24 -3.50 0.12
C ASN B 233 36.11 -4.50 0.29
N ARG B 234 34.87 -4.08 -0.03
CA ARG B 234 33.68 -4.94 -0.09
C ARG B 234 32.78 -4.47 -1.23
N ALA B 235 31.92 -5.38 -1.74
CA ALA B 235 30.96 -5.09 -2.79
C ALA B 235 29.93 -4.06 -2.29
N PRO B 236 29.37 -3.19 -3.19
CA PRO B 236 28.37 -2.19 -2.75
C PRO B 236 27.16 -2.71 -1.97
N LEU B 237 26.58 -1.86 -1.11
CA LEU B 237 25.28 -2.14 -0.48
C LEU B 237 24.25 -1.13 -1.01
N ILE B 238 22.98 -1.54 -1.06
CA ILE B 238 21.89 -0.61 -1.30
C ILE B 238 21.00 -0.57 -0.05
N VAL B 239 20.72 0.64 0.44
CA VAL B 239 19.86 0.81 1.62
C VAL B 239 18.74 1.80 1.31
N SER B 240 17.52 1.47 1.74
CA SER B 240 16.37 2.28 1.44
C SER B 240 15.44 2.35 2.67
N ILE B 241 15.32 3.54 3.28
CA ILE B 241 14.57 3.72 4.53
C ILE B 241 13.49 4.79 4.38
N TYR B 242 12.23 4.42 4.61
CA TYR B 242 11.06 5.29 4.49
C TYR B 242 10.36 5.30 5.86
N THR B 243 9.92 6.47 6.32
CA THR B 243 9.19 6.53 7.59
C THR B 243 8.01 7.49 7.44
N THR B 244 6.95 7.24 8.21
CA THR B 244 5.86 8.17 8.42
C THR B 244 5.49 8.12 9.89
N ARG B 245 4.55 8.96 10.32
CA ARG B 245 4.20 8.99 11.73
C ARG B 245 2.71 9.23 11.86
N LYS B 246 2.15 8.89 13.04
CA LYS B 246 0.71 8.90 13.30
C LYS B 246 0.08 10.26 13.05
N SER B 247 0.68 11.36 13.56
CA SER B 247 -0.04 12.64 13.62
C SER B 247 0.56 13.71 12.71
N LYS B 248 -0.32 14.57 12.19
CA LYS B 248 0.00 15.57 11.20
C LYS B 248 1.18 16.42 11.64
N ASP B 249 1.27 16.72 12.95
CA ASP B 249 2.19 17.70 13.50
C ASP B 249 3.49 17.10 14.02
N ASP B 250 3.56 15.75 14.02
CA ASP B 250 4.76 15.04 14.41
C ASP B 250 5.93 15.48 13.53
N LYS B 251 7.12 15.55 14.13
CA LYS B 251 8.31 15.89 13.37
C LYS B 251 8.97 14.59 12.94
N HIS B 252 9.71 14.64 11.83
CA HIS B 252 10.42 13.48 11.37
C HIS B 252 11.57 13.21 12.34
N SER B 253 12.04 11.96 12.36
CA SER B 253 13.08 11.55 13.30
C SER B 253 14.27 11.00 12.50
N ASP B 254 15.31 11.82 12.35
CA ASP B 254 16.55 11.44 11.70
C ASP B 254 17.16 10.24 12.42
N LYS B 255 17.03 10.22 13.76
CA LYS B 255 17.64 9.19 14.59
C LYS B 255 17.06 7.81 14.29
N THR B 256 15.75 7.76 14.06
CA THR B 256 15.04 6.54 13.75
C THR B 256 15.53 6.04 12.38
N ILE B 257 15.78 6.96 11.43
CA ILE B 257 16.20 6.58 10.09
C ILE B 257 17.60 5.99 10.20
N ALA B 258 18.51 6.70 10.87
CA ALA B 258 19.87 6.23 11.03
C ALA B 258 19.89 4.86 11.68
N GLU B 259 19.07 4.69 12.73
CA GLU B 259 19.02 3.45 13.48
C GLU B 259 18.43 2.33 12.65
N ALA B 260 17.33 2.57 11.94
CA ALA B 260 16.77 1.54 11.09
C ALA B 260 17.77 1.14 10.00
N SER B 261 18.64 2.06 9.59
CA SER B 261 19.68 1.76 8.62
C SER B 261 20.72 0.82 9.23
N ARG B 262 21.13 1.13 10.47
CA ARG B 262 22.08 0.30 11.19
C ARG B 262 21.56 -1.13 11.27
N ILE B 263 20.27 -1.30 11.58
CA ILE B 263 19.68 -2.61 11.78
C ILE B 263 19.70 -3.35 10.44
N ALA B 264 19.33 -2.64 9.37
CA ALA B 264 19.25 -3.17 8.02
C ALA B 264 20.63 -3.64 7.54
N ILE B 265 21.65 -2.84 7.76
CA ILE B 265 22.99 -3.17 7.28
C ILE B 265 23.53 -4.39 8.03
N GLN B 266 23.05 -4.58 9.27
CA GLN B 266 23.48 -5.73 10.05
C GLN B 266 22.75 -6.99 9.58
N ALA B 267 21.46 -6.86 9.22
CA ALA B 267 20.62 -7.96 8.76
C ALA B 267 21.16 -8.64 7.50
N ILE B 268 21.90 -7.93 6.63
CA ILE B 268 22.43 -8.47 5.37
C ILE B 268 23.92 -8.73 5.48
N ASP B 269 24.47 -8.68 6.70
CA ASP B 269 25.88 -8.89 6.99
C ASP B 269 26.22 -10.38 6.81
#